data_2D5K
#
_entry.id   2D5K
#
_cell.length_a   143.381
_cell.length_b   143.381
_cell.length_c   88.288
_cell.angle_alpha   90.00
_cell.angle_beta   90.00
_cell.angle_gamma   120.00
#
_symmetry.space_group_name_H-M   'P 3 2 1'
#
loop_
_entity.id
_entity.type
_entity.pdbx_description
1 polymer 'Dps family protein'
2 non-polymer GLYCEROL
3 water water
#
_entity_poly.entity_id   1
_entity_poly.type   'polypeptide(L)'
_entity_poly.pdbx_seq_one_letter_code
;MASNQQDVVKELNQQVANWTVAYTKLHNFHWYVKGPNFFSLHVKFEELYNEASQYVDELAERILAVGGNPVGTLTECLEQ
SIVKEAAKGYSAEQMVEELSQDFTNISKQLENAIEIAGNAGDDVSEDMFIGMQTSVDKHNWMFKSYLSLEHHHHHH
;
_entity_poly.pdbx_strand_id   A,B,C,D
#
loop_
_chem_comp.id
_chem_comp.type
_chem_comp.name
_chem_comp.formula
GOL non-polymer GLYCEROL 'C3 H8 O3'
#
# COMPACT_ATOMS: atom_id res chain seq x y z
N SER A 3 0.03 -20.77 26.79
CA SER A 3 1.08 -20.66 25.73
C SER A 3 2.35 -20.06 26.31
N ASN A 4 3.50 -20.51 25.82
CA ASN A 4 4.78 -20.00 26.27
C ASN A 4 5.55 -19.41 25.09
N GLN A 5 6.77 -18.93 25.35
CA GLN A 5 7.60 -18.32 24.31
C GLN A 5 7.90 -19.26 23.15
N GLN A 6 8.16 -20.54 23.43
CA GLN A 6 8.46 -21.47 22.36
C GLN A 6 7.26 -21.67 21.44
N ASP A 7 6.05 -21.59 22.00
CA ASP A 7 4.84 -21.73 21.18
C ASP A 7 4.77 -20.56 20.20
N VAL A 8 5.20 -19.39 20.65
CA VAL A 8 5.18 -18.20 19.80
C VAL A 8 6.25 -18.33 18.72
N VAL A 9 7.40 -18.87 19.07
CA VAL A 9 8.48 -19.05 18.10
C VAL A 9 7.97 -19.98 16.98
N LYS A 10 7.18 -20.98 17.35
CA LYS A 10 6.64 -21.90 16.36
C LYS A 10 5.75 -21.14 15.39
N GLU A 11 4.95 -20.22 15.91
CA GLU A 11 4.06 -19.40 15.08
C GLU A 11 4.86 -18.45 14.20
N LEU A 12 5.93 -17.88 14.76
CA LEU A 12 6.77 -16.96 13.99
C LEU A 12 7.43 -17.72 12.82
N ASN A 13 7.98 -18.90 13.11
CA ASN A 13 8.62 -19.69 12.06
C ASN A 13 7.62 -20.16 11.00
N GLN A 14 6.39 -20.42 11.43
CA GLN A 14 5.35 -20.84 10.50
C GLN A 14 5.20 -19.76 9.43
N GLN A 15 5.22 -18.50 9.84
CA GLN A 15 5.09 -17.40 8.89
C GLN A 15 6.38 -17.19 8.07
N VAL A 16 7.54 -17.37 8.69
CA VAL A 16 8.78 -17.22 7.95
C VAL A 16 8.75 -18.24 6.81
N ALA A 17 8.28 -19.44 7.12
CA ALA A 17 8.19 -20.50 6.13
C ALA A 17 7.16 -20.14 5.05
N ASN A 18 5.97 -19.74 5.47
CA ASN A 18 4.92 -19.36 4.53
C ASN A 18 5.38 -18.32 3.53
N TRP A 19 5.93 -17.22 4.06
CA TRP A 19 6.35 -16.13 3.20
C TRP A 19 7.59 -16.36 2.37
N THR A 20 8.44 -17.30 2.79
CA THR A 20 9.61 -17.62 2.02
C THR A 20 9.12 -18.38 0.77
N VAL A 21 8.14 -19.26 0.95
CA VAL A 21 7.59 -19.99 -0.19
C VAL A 21 6.78 -19.03 -1.07
N ALA A 22 6.00 -18.15 -0.43
CA ALA A 22 5.18 -17.18 -1.15
C ALA A 22 6.04 -16.22 -1.97
N TYR A 23 7.21 -15.89 -1.44
CA TYR A 23 8.15 -15.00 -2.10
C TYR A 23 8.48 -15.53 -3.49
N THR A 24 8.79 -16.83 -3.56
CA THR A 24 9.13 -17.44 -4.85
C THR A 24 7.88 -17.66 -5.70
N LYS A 25 6.75 -18.00 -5.08
CA LYS A 25 5.55 -18.18 -5.88
C LYS A 25 5.14 -16.86 -6.51
N LEU A 26 5.33 -15.76 -5.78
CA LEU A 26 4.98 -14.44 -6.30
C LEU A 26 5.92 -14.08 -7.46
N HIS A 27 7.16 -14.56 -7.41
CA HIS A 27 8.09 -14.30 -8.50
C HIS A 27 7.58 -15.08 -9.70
N ASN A 28 7.18 -16.32 -9.45
CA ASN A 28 6.64 -17.19 -10.48
C ASN A 28 5.45 -16.50 -11.17
N PHE A 29 4.50 -16.01 -10.38
CA PHE A 29 3.33 -15.35 -10.96
C PHE A 29 3.74 -14.07 -11.69
N HIS A 30 4.72 -13.37 -11.13
CA HIS A 30 5.27 -12.14 -11.71
C HIS A 30 5.81 -12.44 -13.11
N TRP A 31 6.45 -13.60 -13.27
CA TRP A 31 7.02 -13.98 -14.55
C TRP A 31 6.04 -14.57 -15.56
N TYR A 32 5.16 -15.44 -15.07
CA TYR A 32 4.23 -16.15 -15.94
C TYR A 32 2.86 -15.52 -16.22
N VAL A 33 2.54 -14.42 -15.56
CA VAL A 33 1.24 -13.79 -15.77
C VAL A 33 1.07 -13.35 -17.23
N LYS A 34 -0.12 -13.56 -17.76
CA LYS A 34 -0.43 -13.19 -19.14
C LYS A 34 -1.83 -12.60 -19.23
N GLY A 35 -2.14 -12.00 -20.37
CA GLY A 35 -3.45 -11.42 -20.54
C GLY A 35 -3.43 -9.91 -20.56
N PRO A 36 -4.57 -9.27 -20.86
CA PRO A 36 -4.70 -7.81 -20.92
C PRO A 36 -4.37 -7.06 -19.65
N ASN A 37 -4.31 -7.76 -18.51
CA ASN A 37 -3.98 -7.11 -17.25
C ASN A 37 -2.52 -7.37 -16.88
N PHE A 38 -1.75 -7.84 -17.85
CA PHE A 38 -0.33 -8.15 -17.63
C PHE A 38 0.45 -7.06 -16.93
N PHE A 39 0.37 -5.84 -17.45
CA PHE A 39 1.15 -4.74 -16.87
C PHE A 39 0.82 -4.44 -15.41
N SER A 40 -0.47 -4.39 -15.08
CA SER A 40 -0.87 -4.11 -13.70
C SER A 40 -0.47 -5.23 -12.74
N LEU A 41 -0.74 -6.47 -13.14
CA LEU A 41 -0.41 -7.61 -12.28
C LEU A 41 1.08 -7.90 -12.18
N HIS A 42 1.80 -7.72 -13.28
CA HIS A 42 3.25 -7.95 -13.28
C HIS A 42 3.86 -7.09 -12.17
N VAL A 43 3.42 -5.85 -12.08
CA VAL A 43 3.92 -4.93 -11.06
C VAL A 43 3.37 -5.27 -9.68
N LYS A 44 2.07 -5.54 -9.59
CA LYS A 44 1.46 -5.85 -8.31
C LYS A 44 2.13 -7.03 -7.62
N PHE A 45 2.47 -8.06 -8.39
CA PHE A 45 3.11 -9.23 -7.80
C PHE A 45 4.49 -8.91 -7.27
N GLU A 46 5.18 -7.95 -7.89
CA GLU A 46 6.51 -7.56 -7.43
C GLU A 46 6.39 -6.81 -6.11
N GLU A 47 5.40 -5.93 -6.02
CA GLU A 47 5.18 -5.18 -4.80
C GLU A 47 4.90 -6.16 -3.67
N LEU A 48 4.15 -7.21 -3.99
CA LEU A 48 3.81 -8.22 -3.01
C LEU A 48 5.03 -9.03 -2.56
N TYR A 49 5.92 -9.42 -3.49
CA TYR A 49 7.06 -10.19 -3.00
C TYR A 49 8.06 -9.32 -2.25
N ASN A 50 8.07 -8.02 -2.54
CA ASN A 50 8.98 -7.14 -1.80
C ASN A 50 8.45 -7.09 -0.37
N GLU A 51 7.13 -6.98 -0.25
CA GLU A 51 6.49 -6.93 1.06
C GLU A 51 6.76 -8.25 1.79
N ALA A 52 6.72 -9.34 1.04
CA ALA A 52 6.96 -10.67 1.60
C ALA A 52 8.37 -10.77 2.20
N SER A 53 9.36 -10.26 1.49
CA SER A 53 10.73 -10.33 2.00
C SER A 53 10.88 -9.54 3.29
N GLN A 54 10.13 -8.44 3.40
CA GLN A 54 10.19 -7.62 4.61
C GLN A 54 9.65 -8.41 5.81
N TYR A 55 8.57 -9.15 5.60
CA TYR A 55 7.98 -9.94 6.69
C TYR A 55 8.93 -11.03 7.13
N VAL A 56 9.54 -11.70 6.17
CA VAL A 56 10.46 -12.78 6.48
C VAL A 56 11.58 -12.28 7.38
N ASP A 57 12.20 -11.16 7.01
CA ASP A 57 13.29 -10.63 7.82
C ASP A 57 12.80 -10.15 9.19
N GLU A 58 11.66 -9.46 9.22
CA GLU A 58 11.12 -8.94 10.48
C GLU A 58 10.81 -10.05 11.49
N LEU A 59 10.06 -11.06 11.05
CA LEU A 59 9.70 -12.14 11.94
C LEU A 59 10.89 -13.01 12.33
N ALA A 60 11.81 -13.20 11.40
CA ALA A 60 12.99 -14.01 11.69
C ALA A 60 13.84 -13.34 12.75
N GLU A 61 13.98 -12.01 12.67
CA GLU A 61 14.80 -11.31 13.65
C GLU A 61 14.07 -11.17 15.00
N ARG A 62 12.75 -11.35 14.99
CA ARG A 62 12.02 -11.31 16.25
C ARG A 62 12.33 -12.63 16.95
N ILE A 63 12.37 -13.71 16.17
CA ILE A 63 12.70 -15.02 16.73
C ILE A 63 14.08 -14.93 17.38
N LEU A 64 15.01 -14.29 16.69
CA LEU A 64 16.36 -14.13 17.22
C LEU A 64 16.32 -13.31 18.51
N ALA A 65 15.46 -12.30 18.53
CA ALA A 65 15.33 -11.42 19.69
C ALA A 65 14.76 -12.11 20.94
N VAL A 66 14.15 -13.28 20.75
CA VAL A 66 13.61 -14.00 21.90
C VAL A 66 14.44 -15.26 22.17
N GLY A 67 15.60 -15.34 21.53
CA GLY A 67 16.48 -16.48 21.72
C GLY A 67 16.20 -17.72 20.90
N GLY A 68 15.37 -17.61 19.88
CA GLY A 68 15.05 -18.76 19.05
C GLY A 68 15.87 -18.88 17.78
N ASN A 69 15.59 -19.93 17.00
CA ASN A 69 16.30 -20.21 15.75
C ASN A 69 15.34 -20.07 14.56
N PRO A 70 15.51 -19.03 13.74
CA PRO A 70 14.63 -18.84 12.58
C PRO A 70 14.93 -19.92 11.53
N VAL A 71 13.91 -20.45 10.87
CA VAL A 71 14.13 -21.46 9.84
C VAL A 71 14.96 -20.82 8.73
N GLY A 72 16.17 -21.32 8.54
CA GLY A 72 17.06 -20.76 7.54
C GLY A 72 17.46 -21.59 6.33
N THR A 73 16.61 -22.55 5.95
CA THR A 73 16.88 -23.36 4.76
C THR A 73 15.57 -23.54 4.03
N LEU A 74 15.63 -23.66 2.71
CA LEU A 74 14.42 -23.85 1.91
C LEU A 74 13.75 -25.16 2.24
N THR A 75 14.55 -26.19 2.53
CA THR A 75 14.01 -27.50 2.86
C THR A 75 13.10 -27.39 4.07
N GLU A 76 13.54 -26.66 5.09
CA GLU A 76 12.75 -26.48 6.30
C GLU A 76 11.49 -25.65 6.04
N CYS A 77 11.61 -24.61 5.22
CA CYS A 77 10.46 -23.76 4.92
C CYS A 77 9.39 -24.56 4.17
N LEU A 78 9.82 -25.40 3.23
CA LEU A 78 8.89 -26.22 2.47
C LEU A 78 8.17 -27.21 3.38
N GLU A 79 8.84 -27.67 4.42
CA GLU A 79 8.27 -28.62 5.37
C GLU A 79 7.24 -27.99 6.30
N GLN A 80 7.37 -26.69 6.57
CA GLN A 80 6.46 -26.02 7.49
C GLN A 80 5.40 -25.12 6.86
N SER A 81 5.63 -24.70 5.62
CA SER A 81 4.70 -23.81 4.93
C SER A 81 3.33 -24.39 4.60
N ILE A 82 2.28 -23.58 4.76
CA ILE A 82 0.93 -24.02 4.42
C ILE A 82 0.64 -23.44 3.03
N VAL A 83 1.63 -22.73 2.50
CA VAL A 83 1.54 -22.13 1.16
C VAL A 83 2.21 -23.09 0.19
N LYS A 84 1.51 -23.46 -0.87
CA LYS A 84 2.06 -24.38 -1.87
C LYS A 84 2.87 -23.65 -2.91
N GLU A 85 3.82 -24.36 -3.53
CA GLU A 85 4.62 -23.75 -4.59
C GLU A 85 3.71 -23.70 -5.79
N ALA A 86 4.01 -22.79 -6.72
CA ALA A 86 3.20 -22.64 -7.92
C ALA A 86 3.22 -23.91 -8.74
N ALA A 87 2.06 -24.24 -9.30
CA ALA A 87 1.94 -25.43 -10.14
C ALA A 87 2.34 -24.98 -11.54
N LYS A 88 2.11 -25.83 -12.53
CA LYS A 88 2.47 -25.49 -13.89
C LYS A 88 1.25 -25.07 -14.70
N GLY A 89 1.19 -23.80 -15.08
CA GLY A 89 0.07 -23.33 -15.89
C GLY A 89 -1.05 -22.62 -15.15
N TYR A 90 -1.03 -21.29 -15.21
CA TYR A 90 -2.06 -20.47 -14.57
C TYR A 90 -2.49 -19.34 -15.48
N SER A 91 -3.73 -18.92 -15.34
CA SER A 91 -4.24 -17.77 -16.08
C SER A 91 -4.08 -16.67 -15.04
N ALA A 92 -4.24 -15.41 -15.43
CA ALA A 92 -4.11 -14.31 -14.47
C ALA A 92 -5.16 -14.49 -13.37
N GLU A 93 -6.37 -14.85 -13.80
CA GLU A 93 -7.47 -15.06 -12.87
C GLU A 93 -7.13 -16.14 -11.85
N GLN A 94 -6.52 -17.23 -12.31
CA GLN A 94 -6.17 -18.32 -11.41
C GLN A 94 -5.06 -17.95 -10.42
N MET A 95 -4.15 -17.08 -10.84
CA MET A 95 -3.08 -16.65 -9.94
C MET A 95 -3.66 -15.83 -8.79
N VAL A 96 -4.51 -14.88 -9.11
CA VAL A 96 -5.12 -14.03 -8.08
C VAL A 96 -6.02 -14.87 -7.18
N GLU A 97 -6.72 -15.85 -7.75
CA GLU A 97 -7.57 -16.72 -6.95
C GLU A 97 -6.74 -17.49 -5.93
N GLU A 98 -5.59 -18.01 -6.36
CA GLU A 98 -4.75 -18.77 -5.44
C GLU A 98 -4.17 -17.87 -4.35
N LEU A 99 -3.75 -16.67 -4.74
CA LEU A 99 -3.20 -15.76 -3.74
C LEU A 99 -4.29 -15.41 -2.72
N SER A 100 -5.53 -15.28 -3.19
CA SER A 100 -6.64 -14.98 -2.29
C SER A 100 -6.79 -16.14 -1.30
N GLN A 101 -6.72 -17.37 -1.81
CA GLN A 101 -6.82 -18.55 -0.96
C GLN A 101 -5.70 -18.52 0.09
N ASP A 102 -4.48 -18.26 -0.38
CA ASP A 102 -3.33 -18.20 0.54
C ASP A 102 -3.51 -17.12 1.60
N PHE A 103 -3.92 -15.93 1.19
CA PHE A 103 -4.09 -14.84 2.14
C PHE A 103 -5.23 -15.12 3.12
N THR A 104 -6.27 -15.80 2.66
CA THR A 104 -7.37 -16.15 3.56
C THR A 104 -6.82 -17.14 4.60
N ASN A 105 -6.07 -18.13 4.13
CA ASN A 105 -5.50 -19.14 5.02
C ASN A 105 -4.53 -18.54 6.02
N ILE A 106 -3.67 -17.63 5.55
CA ILE A 106 -2.68 -17.00 6.42
C ILE A 106 -3.36 -16.09 7.45
N SER A 107 -4.38 -15.35 7.02
CA SER A 107 -5.07 -14.47 7.94
C SER A 107 -5.68 -15.29 9.08
N LYS A 108 -6.22 -16.47 8.75
CA LYS A 108 -6.82 -17.32 9.76
C LYS A 108 -5.74 -17.83 10.72
N GLN A 109 -4.60 -18.20 10.16
CA GLN A 109 -3.48 -18.69 10.95
C GLN A 109 -3.00 -17.57 11.86
N LEU A 110 -2.99 -16.34 11.35
CA LEU A 110 -2.54 -15.20 12.13
C LEU A 110 -3.48 -14.88 13.30
N GLU A 111 -4.77 -15.07 13.11
CA GLU A 111 -5.73 -14.81 14.18
C GLU A 111 -5.36 -15.67 15.40
N ASN A 112 -4.98 -16.92 15.15
CA ASN A 112 -4.60 -17.85 16.20
C ASN A 112 -3.23 -17.46 16.78
N ALA A 113 -2.30 -17.09 15.89
CA ALA A 113 -0.95 -16.71 16.31
C ALA A 113 -1.04 -15.50 17.25
N ILE A 114 -1.92 -14.57 16.93
CA ILE A 114 -2.11 -13.38 17.75
C ILE A 114 -2.57 -13.78 19.15
N GLU A 115 -3.51 -14.70 19.22
CA GLU A 115 -4.04 -15.15 20.50
C GLU A 115 -2.94 -15.85 21.31
N ILE A 116 -2.16 -16.69 20.65
CA ILE A 116 -1.07 -17.42 21.30
C ILE A 116 -0.01 -16.46 21.85
N ALA A 117 0.39 -15.49 21.03
CA ALA A 117 1.39 -14.52 21.44
C ALA A 117 0.89 -13.73 22.64
N GLY A 118 -0.35 -13.26 22.57
CA GLY A 118 -0.91 -12.49 23.67
C GLY A 118 -0.96 -13.29 24.97
N ASN A 119 -1.41 -14.54 24.88
CA ASN A 119 -1.50 -15.38 26.07
C ASN A 119 -0.15 -15.72 26.65
N ALA A 120 0.88 -15.69 25.83
CA ALA A 120 2.25 -16.00 26.28
C ALA A 120 2.93 -14.74 26.80
N GLY A 121 2.28 -13.60 26.64
CA GLY A 121 2.86 -12.35 27.09
C GLY A 121 3.87 -11.79 26.10
N ASP A 122 3.88 -12.31 24.88
CA ASP A 122 4.79 -11.80 23.86
C ASP A 122 4.01 -10.79 23.02
N ASP A 123 3.90 -9.58 23.56
CA ASP A 123 3.15 -8.52 22.93
C ASP A 123 3.82 -7.94 21.68
N VAL A 124 5.14 -8.09 21.60
CA VAL A 124 5.89 -7.61 20.44
C VAL A 124 5.55 -8.49 19.25
N SER A 125 5.63 -9.81 19.43
CA SER A 125 5.32 -10.74 18.34
C SER A 125 3.85 -10.59 17.96
N GLU A 126 3.00 -10.39 18.97
CA GLU A 126 1.58 -10.21 18.74
C GLU A 126 1.37 -9.03 17.80
N ASP A 127 2.05 -7.92 18.10
CA ASP A 127 1.95 -6.71 17.30
C ASP A 127 2.43 -6.93 15.87
N MET A 128 3.49 -7.73 15.71
CA MET A 128 4.00 -8.02 14.38
C MET A 128 2.99 -8.84 13.59
N PHE A 129 2.33 -9.77 14.24
CA PHE A 129 1.32 -10.60 13.57
C PHE A 129 0.14 -9.73 13.16
N ILE A 130 -0.20 -8.76 14.01
CA ILE A 130 -1.32 -7.85 13.73
C ILE A 130 -0.99 -7.01 12.51
N GLY A 131 0.25 -6.51 12.46
CA GLY A 131 0.68 -5.70 11.34
C GLY A 131 0.59 -6.48 10.05
N MET A 132 1.03 -7.73 10.08
CA MET A 132 0.98 -8.58 8.90
C MET A 132 -0.47 -8.86 8.50
N GLN A 133 -1.31 -9.22 9.46
CA GLN A 133 -2.71 -9.51 9.17
C GLN A 133 -3.38 -8.29 8.56
N THR A 134 -2.99 -7.10 9.00
CA THR A 134 -3.57 -5.88 8.47
C THR A 134 -3.36 -5.82 6.95
N SER A 135 -2.12 -6.01 6.52
CA SER A 135 -1.79 -5.95 5.11
C SER A 135 -2.41 -7.12 4.35
N VAL A 136 -2.32 -8.31 4.92
CA VAL A 136 -2.88 -9.51 4.30
C VAL A 136 -4.36 -9.33 3.99
N ASP A 137 -5.13 -8.85 4.97
CA ASP A 137 -6.57 -8.66 4.78
C ASP A 137 -6.85 -7.58 3.74
N LYS A 138 -6.05 -6.52 3.73
CA LYS A 138 -6.25 -5.43 2.78
C LYS A 138 -6.02 -5.95 1.37
N HIS A 139 -4.91 -6.67 1.17
CA HIS A 139 -4.60 -7.24 -0.14
C HIS A 139 -5.69 -8.22 -0.59
N ASN A 140 -6.18 -9.02 0.35
CA ASN A 140 -7.22 -10.00 0.02
C ASN A 140 -8.47 -9.30 -0.50
N TRP A 141 -8.84 -8.17 0.12
CA TRP A 141 -10.01 -7.45 -0.37
C TRP A 141 -9.76 -7.04 -1.82
N MET A 142 -8.56 -6.54 -2.10
CA MET A 142 -8.23 -6.14 -3.46
C MET A 142 -8.29 -7.31 -4.44
N PHE A 143 -7.77 -8.46 -4.02
CA PHE A 143 -7.80 -9.65 -4.87
C PHE A 143 -9.23 -10.01 -5.19
N LYS A 144 -10.08 -10.07 -4.17
CA LYS A 144 -11.48 -10.41 -4.37
C LYS A 144 -12.19 -9.41 -5.27
N SER A 145 -11.81 -8.13 -5.14
CA SER A 145 -12.42 -7.10 -5.98
C SER A 145 -12.03 -7.32 -7.45
N TYR A 146 -10.76 -7.62 -7.67
CA TYR A 146 -10.26 -7.87 -9.02
C TYR A 146 -11.02 -9.04 -9.66
N LEU A 147 -11.25 -10.07 -8.84
CA LEU A 147 -11.94 -11.29 -9.29
C LEU A 147 -13.45 -11.16 -9.49
N SER A 148 -14.06 -10.12 -8.96
CA SER A 148 -15.51 -9.95 -9.09
C SER A 148 -15.98 -9.86 -10.54
N LEU A 149 -17.06 -10.57 -10.83
CA LEU A 149 -17.61 -10.59 -12.19
C LEU A 149 -18.27 -9.26 -12.56
N GLU A 150 -17.83 -8.72 -13.68
CA GLU A 150 -18.35 -7.46 -14.20
C GLU A 150 -19.47 -7.71 -15.20
N ALA B 2 28.45 -26.42 -31.43
CA ALA B 2 27.57 -25.26 -31.78
C ALA B 2 26.40 -25.18 -30.81
N SER B 3 26.54 -24.37 -29.77
CA SER B 3 25.50 -24.20 -28.78
C SER B 3 24.27 -23.52 -29.38
N ASN B 4 23.09 -23.83 -28.84
CA ASN B 4 21.86 -23.23 -29.33
C ASN B 4 21.17 -22.50 -28.19
N GLN B 5 20.03 -21.88 -28.49
CA GLN B 5 19.28 -21.13 -27.50
C GLN B 5 18.94 -21.97 -26.26
N GLN B 6 18.55 -23.22 -26.51
CA GLN B 6 18.18 -24.13 -25.43
C GLN B 6 19.34 -24.31 -24.45
N ASP B 7 20.56 -24.40 -24.99
CA ASP B 7 21.74 -24.56 -24.16
C ASP B 7 21.91 -23.34 -23.26
N VAL B 8 21.61 -22.16 -23.80
CA VAL B 8 21.74 -20.93 -23.04
C VAL B 8 20.69 -20.88 -21.93
N VAL B 9 19.46 -21.30 -22.24
CA VAL B 9 18.40 -21.30 -21.23
C VAL B 9 18.83 -22.17 -20.05
N LYS B 10 19.49 -23.28 -20.35
CA LYS B 10 19.98 -24.20 -19.33
C LYS B 10 20.96 -23.46 -18.42
N GLU B 11 21.83 -22.66 -19.03
CA GLU B 11 22.83 -21.89 -18.27
C GLU B 11 22.14 -20.80 -17.44
N LEU B 12 21.11 -20.19 -18.01
CA LEU B 12 20.38 -19.13 -17.31
C LEU B 12 19.65 -19.71 -16.10
N ASN B 13 18.99 -20.85 -16.28
CA ASN B 13 18.27 -21.47 -15.16
C ASN B 13 19.22 -21.96 -14.08
N GLN B 14 20.43 -22.38 -14.48
CA GLN B 14 21.41 -22.84 -13.51
C GLN B 14 21.69 -21.71 -12.53
N GLN B 15 21.79 -20.48 -13.04
CA GLN B 15 22.03 -19.33 -12.18
C GLN B 15 20.78 -18.92 -11.40
N VAL B 16 19.60 -19.05 -12.01
CA VAL B 16 18.38 -18.70 -11.29
C VAL B 16 18.32 -19.60 -10.06
N ALA B 17 18.67 -20.87 -10.26
CA ALA B 17 18.68 -21.86 -9.18
C ALA B 17 19.73 -21.50 -8.13
N ASN B 18 20.97 -21.27 -8.58
CA ASN B 18 22.06 -20.91 -7.67
C ASN B 18 21.72 -19.73 -6.77
N TRP B 19 21.23 -18.65 -7.38
CA TRP B 19 20.92 -17.45 -6.63
C TRP B 19 19.65 -17.50 -5.80
N THR B 20 18.74 -18.39 -6.15
CA THR B 20 17.53 -18.53 -5.36
C THR B 20 17.97 -19.21 -4.06
N VAL B 21 18.82 -20.23 -4.19
CA VAL B 21 19.30 -20.92 -3.00
C VAL B 21 20.18 -19.98 -2.19
N ALA B 22 21.06 -19.23 -2.87
CA ALA B 22 21.94 -18.29 -2.19
C ALA B 22 21.15 -17.21 -1.47
N TYR B 23 20.03 -16.82 -2.05
CA TYR B 23 19.18 -15.79 -1.45
C TYR B 23 18.82 -16.17 -0.02
N THR B 24 18.39 -17.41 0.18
CA THR B 24 18.03 -17.88 1.51
C THR B 24 19.25 -18.17 2.36
N LYS B 25 20.32 -18.67 1.77
CA LYS B 25 21.52 -18.94 2.56
C LYS B 25 22.06 -17.63 3.10
N LEU B 26 21.94 -16.56 2.32
CA LEU B 26 22.42 -15.25 2.75
C LEU B 26 21.55 -14.71 3.87
N HIS B 27 20.26 -15.07 3.89
CA HIS B 27 19.39 -14.64 4.98
C HIS B 27 19.84 -15.36 6.24
N ASN B 28 20.15 -16.65 6.08
CA ASN B 28 20.61 -17.46 7.19
C ASN B 28 21.86 -16.84 7.81
N PHE B 29 22.84 -16.50 6.98
CA PHE B 29 24.06 -15.89 7.48
C PHE B 29 23.78 -14.52 8.10
N HIS B 30 22.86 -13.79 7.46
CA HIS B 30 22.44 -12.47 7.92
C HIS B 30 21.87 -12.56 9.35
N TRP B 31 21.14 -13.64 9.62
CA TRP B 31 20.52 -13.83 10.93
C TRP B 31 21.43 -14.46 11.98
N TYR B 32 22.19 -15.47 11.57
CA TYR B 32 23.04 -16.21 12.48
C TYR B 32 24.47 -15.75 12.70
N VAL B 33 24.93 -14.76 11.96
CA VAL B 33 26.31 -14.29 12.11
C VAL B 33 26.53 -13.76 13.53
N LYS B 34 27.69 -14.07 14.09
CA LYS B 34 28.02 -13.63 15.44
C LYS B 34 29.48 -13.17 15.54
N GLY B 35 29.81 -12.49 16.63
CA GLY B 35 31.17 -12.02 16.81
C GLY B 35 31.32 -10.53 16.66
N PRO B 36 32.53 -10.00 16.88
CA PRO B 36 32.86 -8.58 16.78
C PRO B 36 32.61 -7.91 15.43
N ASN B 37 32.46 -8.70 14.38
CA ASN B 37 32.20 -8.15 13.05
C ASN B 37 30.72 -8.27 12.69
N PHE B 38 29.88 -8.49 13.70
CA PHE B 38 28.45 -8.63 13.48
C PHE B 38 27.81 -7.51 12.69
N PHE B 39 28.03 -6.27 13.11
CA PHE B 39 27.40 -5.15 12.43
C PHE B 39 27.75 -5.04 10.95
N SER B 40 29.02 -5.16 10.61
CA SER B 40 29.43 -5.07 9.20
C SER B 40 28.87 -6.22 8.37
N LEU B 41 29.05 -7.45 8.84
CA LEU B 41 28.59 -8.62 8.10
C LEU B 41 27.07 -8.74 8.01
N HIS B 42 26.38 -8.38 9.10
CA HIS B 42 24.91 -8.44 9.12
C HIS B 42 24.40 -7.61 7.93
N VAL B 43 24.97 -6.43 7.74
CA VAL B 43 24.56 -5.56 6.65
C VAL B 43 25.05 -6.06 5.30
N LYS B 44 26.31 -6.46 5.22
CA LYS B 44 26.86 -6.96 3.96
C LYS B 44 26.06 -8.13 3.40
N PHE B 45 25.64 -9.04 4.27
CA PHE B 45 24.87 -10.20 3.80
C PHE B 45 23.52 -9.75 3.23
N GLU B 46 22.95 -8.68 3.77
CA GLU B 46 21.67 -8.19 3.26
C GLU B 46 21.89 -7.56 1.88
N GLU B 47 22.97 -6.81 1.73
CA GLU B 47 23.26 -6.18 0.45
C GLU B 47 23.41 -7.29 -0.58
N LEU B 48 24.03 -8.39 -0.18
CA LEU B 48 24.22 -9.52 -1.07
C LEU B 48 22.92 -10.22 -1.45
N TYR B 49 22.02 -10.45 -0.51
CA TYR B 49 20.81 -11.13 -0.93
C TYR B 49 19.90 -10.19 -1.75
N ASN B 50 20.01 -8.89 -1.52
CA ASN B 50 19.20 -7.95 -2.31
C ASN B 50 19.73 -8.03 -3.75
N GLU B 51 21.05 -8.16 -3.89
CA GLU B 51 21.64 -8.26 -5.21
C GLU B 51 21.26 -9.59 -5.84
N ALA B 52 21.21 -10.63 -5.02
CA ALA B 52 20.84 -11.96 -5.51
C ALA B 52 19.44 -11.94 -6.10
N SER B 53 18.52 -11.26 -5.43
CA SER B 53 17.15 -11.18 -5.90
C SER B 53 17.09 -10.47 -7.25
N GLN B 54 17.93 -9.47 -7.44
CA GLN B 54 17.97 -8.74 -8.71
C GLN B 54 18.41 -9.66 -9.84
N TYR B 55 19.40 -10.52 -9.56
CA TYR B 55 19.89 -11.47 -10.57
C TYR B 55 18.81 -12.47 -10.96
N VAL B 56 18.15 -13.02 -9.94
CA VAL B 56 17.11 -14.00 -10.16
C VAL B 56 16.04 -13.47 -11.11
N ASP B 57 15.61 -12.23 -10.88
CA ASP B 57 14.58 -11.63 -11.72
C ASP B 57 15.09 -11.31 -13.11
N GLU B 58 16.29 -10.74 -13.19
CA GLU B 58 16.88 -10.39 -14.48
C GLU B 58 17.04 -11.61 -15.38
N LEU B 59 17.68 -12.65 -14.87
CA LEU B 59 17.90 -13.85 -15.66
C LEU B 59 16.60 -14.59 -15.97
N ALA B 60 15.67 -14.60 -15.02
CA ALA B 60 14.40 -15.27 -15.25
C ALA B 60 13.62 -14.58 -16.37
N GLU B 61 13.61 -13.25 -16.39
CA GLU B 61 12.88 -12.53 -17.43
C GLU B 61 13.59 -12.57 -18.77
N ARG B 62 14.87 -12.92 -18.77
CA ARG B 62 15.59 -13.04 -20.03
C ARG B 62 15.16 -14.36 -20.63
N ILE B 63 15.05 -15.38 -19.79
CA ILE B 63 14.62 -16.70 -20.22
C ILE B 63 13.25 -16.55 -20.88
N LEU B 64 12.42 -15.68 -20.30
CA LEU B 64 11.09 -15.43 -20.84
C LEU B 64 11.22 -14.73 -22.20
N ALA B 65 12.16 -13.79 -22.28
CA ALA B 65 12.39 -13.03 -23.50
C ALA B 65 12.85 -13.90 -24.67
N VAL B 66 13.39 -15.09 -24.37
CA VAL B 66 13.84 -15.99 -25.43
C VAL B 66 12.89 -17.17 -25.59
N GLY B 67 11.71 -17.04 -24.97
CA GLY B 67 10.69 -18.07 -25.06
C GLY B 67 10.84 -19.30 -24.19
N GLY B 68 11.69 -19.22 -23.16
CA GLY B 68 11.89 -20.36 -22.28
C GLY B 68 11.07 -20.29 -21.00
N ASN B 69 11.25 -21.28 -20.14
CA ASN B 69 10.54 -21.37 -18.85
C ASN B 69 11.49 -21.22 -17.67
N PRO B 70 11.41 -20.09 -16.95
CA PRO B 70 12.28 -19.87 -15.79
C PRO B 70 11.88 -20.84 -14.67
N VAL B 71 12.85 -21.44 -13.99
CA VAL B 71 12.53 -22.35 -12.91
C VAL B 71 11.72 -21.57 -11.88
N GLY B 72 10.47 -21.97 -11.68
CA GLY B 72 9.61 -21.26 -10.76
C GLY B 72 9.26 -21.89 -9.42
N THR B 73 10.06 -22.84 -8.94
CA THR B 73 9.80 -23.46 -7.65
C THR B 73 11.10 -23.65 -6.90
N LEU B 74 11.02 -23.70 -5.57
CA LEU B 74 12.19 -23.89 -4.73
C LEU B 74 12.73 -25.31 -4.87
N THR B 75 11.82 -26.26 -5.05
CA THR B 75 12.19 -27.65 -5.20
C THR B 75 13.12 -27.81 -6.41
N GLU B 76 12.75 -27.18 -7.51
CA GLU B 76 13.55 -27.26 -8.74
C GLU B 76 14.90 -26.56 -8.53
N CYS B 77 14.88 -25.41 -7.86
CA CYS B 77 16.12 -24.68 -7.62
C CYS B 77 17.11 -25.52 -6.80
N LEU B 78 16.62 -26.18 -5.76
CA LEU B 78 17.48 -27.01 -4.91
C LEU B 78 18.10 -28.15 -5.71
N GLU B 79 17.40 -28.59 -6.75
CA GLU B 79 17.88 -29.69 -7.58
C GLU B 79 19.04 -29.28 -8.50
N GLN B 80 18.93 -28.10 -9.09
CA GLN B 80 19.96 -27.63 -10.02
C GLN B 80 21.13 -26.86 -9.41
N SER B 81 20.86 -26.11 -8.34
CA SER B 81 21.87 -25.29 -7.69
C SER B 81 23.17 -25.96 -7.26
N ILE B 82 24.30 -25.29 -7.53
CA ILE B 82 25.60 -25.80 -7.10
C ILE B 82 25.87 -25.17 -5.74
N VAL B 83 25.02 -24.23 -5.37
CA VAL B 83 25.13 -23.57 -4.06
C VAL B 83 24.29 -24.42 -3.12
N LYS B 84 24.91 -24.92 -2.05
CA LYS B 84 24.19 -25.75 -1.11
C LYS B 84 23.65 -24.92 0.04
N GLU B 85 22.61 -25.41 0.70
CA GLU B 85 22.01 -24.70 1.81
C GLU B 85 22.96 -24.62 3.01
N ALA B 86 22.74 -23.64 3.86
CA ALA B 86 23.57 -23.46 5.04
C ALA B 86 23.44 -24.61 6.01
N ALA B 87 24.55 -24.93 6.67
CA ALA B 87 24.59 -25.99 7.68
C ALA B 87 24.55 -25.27 9.01
N LYS B 88 24.52 -26.02 10.11
CA LYS B 88 24.46 -25.39 11.43
C LYS B 88 25.83 -25.13 12.06
N GLY B 89 25.87 -24.16 12.97
CA GLY B 89 27.09 -23.83 13.70
C GLY B 89 28.24 -23.14 12.98
N TYR B 90 27.93 -22.28 12.01
CA TYR B 90 28.97 -21.58 11.29
C TYR B 90 29.38 -20.28 11.97
N SER B 91 30.69 -20.06 12.07
CA SER B 91 31.22 -18.83 12.65
C SER B 91 31.21 -17.82 11.50
N ALA B 92 31.39 -16.54 11.83
CA ALA B 92 31.39 -15.52 10.78
C ALA B 92 32.45 -15.84 9.73
N GLU B 93 33.63 -16.26 10.19
CA GLU B 93 34.71 -16.60 9.29
C GLU B 93 34.32 -17.75 8.36
N GLN B 94 33.68 -18.77 8.91
CA GLN B 94 33.26 -19.92 8.11
C GLN B 94 32.19 -19.53 7.10
N MET B 95 31.36 -18.56 7.46
CA MET B 95 30.32 -18.11 6.55
C MET B 95 30.97 -17.43 5.34
N VAL B 96 31.91 -16.54 5.61
CA VAL B 96 32.58 -15.82 4.53
C VAL B 96 33.39 -16.79 3.69
N GLU B 97 34.01 -17.78 4.33
CA GLU B 97 34.78 -18.78 3.60
C GLU B 97 33.88 -19.53 2.63
N GLU B 98 32.70 -19.95 3.10
CA GLU B 98 31.79 -20.69 2.23
C GLU B 98 31.26 -19.82 1.09
N LEU B 99 30.93 -18.57 1.39
CA LEU B 99 30.44 -17.70 0.33
C LEU B 99 31.55 -17.51 -0.71
N SER B 100 32.78 -17.40 -0.25
CA SER B 100 33.89 -17.23 -1.18
C SER B 100 33.99 -18.45 -2.09
N GLN B 101 33.88 -19.64 -1.51
CA GLN B 101 33.94 -20.86 -2.32
C GLN B 101 32.75 -20.88 -3.30
N ASP B 102 31.58 -20.45 -2.84
CA ASP B 102 30.42 -20.43 -3.73
C ASP B 102 30.67 -19.47 -4.89
N PHE B 103 31.18 -18.28 -4.57
CA PHE B 103 31.44 -17.29 -5.61
C PHE B 103 32.52 -17.76 -6.58
N THR B 104 33.49 -18.50 -6.08
CA THR B 104 34.54 -19.04 -6.95
C THR B 104 33.88 -20.05 -7.90
N ASN B 105 33.02 -20.90 -7.36
CA ASN B 105 32.34 -21.90 -8.16
C ASN B 105 31.42 -21.27 -9.21
N ILE B 106 30.68 -20.25 -8.79
CA ILE B 106 29.78 -19.57 -9.71
C ILE B 106 30.54 -18.84 -10.81
N SER B 107 31.63 -18.17 -10.45
CA SER B 107 32.41 -17.46 -11.45
C SER B 107 32.92 -18.43 -12.52
N LYS B 108 33.31 -19.63 -12.11
CA LYS B 108 33.80 -20.62 -13.05
C LYS B 108 32.66 -21.07 -13.97
N GLN B 109 31.47 -21.26 -13.40
CA GLN B 109 30.31 -21.65 -14.20
C GLN B 109 29.98 -20.56 -15.19
N LEU B 110 30.09 -19.31 -14.73
CA LEU B 110 29.77 -18.18 -15.60
C LEU B 110 30.74 -18.05 -16.77
N GLU B 111 31.99 -18.43 -16.56
CA GLU B 111 32.98 -18.35 -17.64
C GLU B 111 32.50 -19.25 -18.77
N ASN B 112 32.04 -20.45 -18.42
CA ASN B 112 31.54 -21.40 -19.39
C ASN B 112 30.22 -20.91 -20.00
N ALA B 113 29.34 -20.36 -19.17
CA ALA B 113 28.06 -19.85 -19.64
C ALA B 113 28.23 -18.73 -20.66
N ILE B 114 29.23 -17.88 -20.43
CA ILE B 114 29.52 -16.76 -21.32
C ILE B 114 29.92 -17.30 -22.70
N GLU B 115 30.76 -18.32 -22.70
CA GLU B 115 31.21 -18.93 -23.94
C GLU B 115 30.03 -19.56 -24.70
N ILE B 116 29.18 -20.27 -23.97
CA ILE B 116 28.01 -20.92 -24.56
C ILE B 116 27.07 -19.89 -25.19
N ALA B 117 26.78 -18.83 -24.45
CA ALA B 117 25.89 -17.79 -24.94
C ALA B 117 26.43 -17.15 -26.21
N GLY B 118 27.71 -16.80 -26.19
CA GLY B 118 28.33 -16.19 -27.36
C GLY B 118 28.30 -17.11 -28.57
N ASN B 119 28.63 -18.38 -28.37
CA ASN B 119 28.62 -19.35 -29.45
C ASN B 119 27.23 -19.55 -30.03
N ALA B 120 26.21 -19.41 -29.20
CA ALA B 120 24.83 -19.58 -29.62
C ALA B 120 24.28 -18.31 -30.25
N GLY B 121 25.05 -17.23 -30.16
CA GLY B 121 24.61 -15.97 -30.73
C GLY B 121 23.67 -15.21 -29.81
N ASP B 122 23.58 -15.63 -28.55
CA ASP B 122 22.72 -14.95 -27.59
C ASP B 122 23.61 -13.97 -26.85
N ASP B 123 23.83 -12.82 -27.48
CA ASP B 123 24.70 -11.81 -26.93
C ASP B 123 24.10 -11.06 -25.74
N VAL B 124 22.78 -11.10 -25.62
CA VAL B 124 22.10 -10.44 -24.50
C VAL B 124 22.36 -11.26 -23.24
N SER B 125 22.13 -12.56 -23.32
CA SER B 125 22.36 -13.43 -22.16
C SER B 125 23.84 -13.40 -21.81
N GLU B 126 24.69 -13.37 -22.84
CA GLU B 126 26.12 -13.33 -22.61
C GLU B 126 26.47 -12.11 -21.78
N ASP B 127 25.90 -10.97 -22.16
CA ASP B 127 26.15 -9.71 -21.45
C ASP B 127 25.67 -9.78 -20.00
N MET B 128 24.54 -10.44 -19.78
CA MET B 128 24.02 -10.58 -18.43
C MET B 128 24.95 -11.42 -17.57
N PHE B 129 25.48 -12.49 -18.15
CA PHE B 129 26.41 -13.34 -17.42
C PHE B 129 27.67 -12.56 -17.09
N ILE B 130 28.12 -11.71 -18.01
CA ILE B 130 29.31 -10.90 -17.79
C ILE B 130 29.09 -9.94 -16.63
N GLY B 131 27.94 -9.28 -16.63
CA GLY B 131 27.63 -8.35 -15.56
C GLY B 131 27.64 -9.05 -14.22
N MET B 132 27.07 -10.25 -14.18
CA MET B 132 27.02 -11.03 -12.95
C MET B 132 28.43 -11.44 -12.51
N GLN B 133 29.22 -11.94 -13.45
CA GLN B 133 30.58 -12.36 -13.12
C GLN B 133 31.40 -11.18 -12.58
N THR B 134 31.15 -9.99 -13.12
CA THR B 134 31.85 -8.79 -12.67
C THR B 134 31.64 -8.59 -11.17
N SER B 135 30.39 -8.61 -10.74
CA SER B 135 30.05 -8.42 -9.34
C SER B 135 30.51 -9.59 -8.47
N VAL B 136 30.32 -10.80 -8.97
CA VAL B 136 30.74 -11.99 -8.23
C VAL B 136 32.25 -11.94 -7.93
N ASP B 137 33.05 -11.64 -8.94
CA ASP B 137 34.49 -11.56 -8.75
C ASP B 137 34.90 -10.45 -7.81
N LYS B 138 34.22 -9.32 -7.90
CA LYS B 138 34.53 -8.17 -7.05
C LYS B 138 34.24 -8.54 -5.59
N HIS B 139 33.07 -9.10 -5.34
CA HIS B 139 32.72 -9.52 -3.98
C HIS B 139 33.70 -10.57 -3.47
N ASN B 140 34.09 -11.49 -4.34
CA ASN B 140 35.01 -12.54 -3.92
C ASN B 140 36.34 -11.96 -3.47
N TRP B 141 36.83 -10.94 -4.17
CA TRP B 141 38.08 -10.31 -3.77
C TRP B 141 37.89 -9.75 -2.36
N MET B 142 36.75 -9.12 -2.10
CA MET B 142 36.49 -8.57 -0.78
C MET B 142 36.43 -9.68 0.28
N PHE B 143 35.77 -10.80 -0.03
CA PHE B 143 35.69 -11.91 0.92
C PHE B 143 37.09 -12.41 1.25
N LYS B 144 37.89 -12.64 0.21
CA LYS B 144 39.25 -13.13 0.41
C LYS B 144 40.11 -12.16 1.20
N SER B 145 39.87 -10.87 1.03
CA SER B 145 40.64 -9.86 1.75
C SER B 145 40.23 -9.91 3.21
N TYR B 146 38.94 -10.03 3.47
CA TYR B 146 38.43 -10.11 4.83
C TYR B 146 39.03 -11.33 5.53
N LEU B 147 39.16 -12.42 4.79
CA LEU B 147 39.68 -13.68 5.32
C LEU B 147 41.20 -13.76 5.46
N SER B 148 41.92 -12.83 4.84
CA SER B 148 43.38 -12.84 4.91
C SER B 148 43.93 -12.75 6.32
N LEU B 149 44.95 -13.55 6.62
CA LEU B 149 45.56 -13.54 7.95
C LEU B 149 46.42 -12.31 8.20
N GLU B 150 46.53 -11.95 9.48
CA GLU B 150 47.28 -10.80 10.00
C GLU B 150 46.34 -9.65 10.33
N ALA C 2 -20.91 -9.30 24.84
CA ALA C 2 -19.85 -9.66 23.85
C ALA C 2 -19.96 -8.76 22.63
N SER C 3 -18.98 -8.84 21.74
CA SER C 3 -18.99 -8.03 20.51
C SER C 3 -18.62 -8.88 19.30
N ASN C 4 -19.21 -8.56 18.15
CA ASN C 4 -18.93 -9.29 16.93
C ASN C 4 -18.38 -8.39 15.83
N GLN C 5 -18.08 -8.98 14.68
CA GLN C 5 -17.51 -8.23 13.56
C GLN C 5 -18.39 -7.08 13.10
N GLN C 6 -19.71 -7.28 13.08
CA GLN C 6 -20.61 -6.22 12.65
C GLN C 6 -20.54 -5.04 13.62
N ASP C 7 -20.37 -5.33 14.91
CA ASP C 7 -20.27 -4.27 15.92
C ASP C 7 -19.04 -3.43 15.62
N VAL C 8 -17.96 -4.08 15.18
CA VAL C 8 -16.73 -3.36 14.86
C VAL C 8 -16.95 -2.50 13.62
N VAL C 9 -17.64 -3.05 12.63
CA VAL C 9 -17.92 -2.31 11.41
C VAL C 9 -18.70 -1.03 11.75
N LYS C 10 -19.61 -1.14 12.72
CA LYS C 10 -20.39 0.02 13.13
C LYS C 10 -19.46 1.08 13.71
N GLU C 11 -18.52 0.63 14.55
CA GLU C 11 -17.54 1.54 15.16
C GLU C 11 -16.64 2.16 14.09
N LEU C 12 -16.25 1.36 13.10
CA LEU C 12 -15.42 1.87 12.03
C LEU C 12 -16.18 2.94 11.23
N ASN C 13 -17.43 2.65 10.88
CA ASN C 13 -18.22 3.62 10.12
C ASN C 13 -18.49 4.90 10.92
N GLN C 14 -18.61 4.77 12.24
CA GLN C 14 -18.83 5.93 13.08
C GLN C 14 -17.67 6.90 12.88
N GLN C 15 -16.45 6.37 12.80
CA GLN C 15 -15.27 7.21 12.60
C GLN C 15 -15.16 7.73 11.17
N VAL C 16 -15.52 6.91 10.19
CA VAL C 16 -15.46 7.37 8.80
C VAL C 16 -16.39 8.57 8.70
N ALA C 17 -17.55 8.48 9.34
CA ALA C 17 -18.54 9.54 9.35
C ALA C 17 -17.99 10.77 10.08
N ASN C 18 -17.45 10.57 11.28
CA ASN C 18 -16.90 11.66 12.08
C ASN C 18 -15.85 12.45 11.31
N TRP C 19 -14.88 11.75 10.76
CA TRP C 19 -13.80 12.42 10.04
C TRP C 19 -14.16 12.97 8.68
N THR C 20 -15.22 12.46 8.07
CA THR C 20 -15.65 13.00 6.78
C THR C 20 -16.24 14.39 7.07
N VAL C 21 -17.02 14.50 8.14
CA VAL C 21 -17.60 15.79 8.51
C VAL C 21 -16.50 16.73 9.02
N ALA C 22 -15.60 16.18 9.83
CA ALA C 22 -14.49 16.95 10.39
C ALA C 22 -13.60 17.51 9.28
N TYR C 23 -13.46 16.75 8.20
CA TYR C 23 -12.64 17.15 7.06
C TYR C 23 -13.13 18.49 6.53
N THR C 24 -14.45 18.63 6.39
CA THR C 24 -15.01 19.87 5.88
C THR C 24 -15.00 20.97 6.95
N LYS C 25 -15.24 20.62 8.21
CA LYS C 25 -15.21 21.63 9.25
C LYS C 25 -13.81 22.21 9.38
N LEU C 26 -12.80 21.37 9.20
CA LEU C 26 -11.42 21.81 9.29
C LEU C 26 -11.09 22.74 8.11
N HIS C 27 -11.72 22.50 6.96
CA HIS C 27 -11.50 23.39 5.81
C HIS C 27 -12.14 24.74 6.15
N ASN C 28 -13.35 24.69 6.70
CA ASN C 28 -14.08 25.90 7.09
C ASN C 28 -13.22 26.73 8.05
N PHE C 29 -12.67 26.09 9.08
CA PHE C 29 -11.83 26.80 10.04
C PHE C 29 -10.56 27.33 9.40
N HIS C 30 -10.01 26.53 8.48
CA HIS C 30 -8.81 26.85 7.72
C HIS C 30 -9.06 28.13 6.92
N TRP C 31 -10.26 28.26 6.37
CA TRP C 31 -10.62 29.42 5.56
C TRP C 31 -11.04 30.66 6.35
N TYR C 32 -11.82 30.44 7.39
CA TYR C 32 -12.37 31.54 8.18
C TYR C 32 -11.62 32.04 9.41
N VAL C 33 -10.55 31.36 9.80
CA VAL C 33 -9.81 31.80 10.98
C VAL C 33 -9.27 33.22 10.80
N LYS C 34 -9.35 34.03 11.86
CA LYS C 34 -8.89 35.42 11.84
C LYS C 34 -8.02 35.70 13.07
N GLY C 35 -7.34 36.84 13.05
CA GLY C 35 -6.51 37.21 14.18
C GLY C 35 -5.02 37.03 13.99
N PRO C 36 -4.21 37.48 14.97
CA PRO C 36 -2.74 37.44 15.02
C PRO C 36 -2.14 36.07 14.79
N ASN C 37 -2.91 35.02 15.07
CA ASN C 37 -2.42 33.66 14.89
C ASN C 37 -2.91 33.01 13.60
N PHE C 38 -3.37 33.84 12.67
CA PHE C 38 -3.87 33.34 11.40
C PHE C 38 -2.91 32.39 10.68
N PHE C 39 -1.65 32.79 10.55
CA PHE C 39 -0.70 31.97 9.82
C PHE C 39 -0.46 30.60 10.43
N SER C 40 -0.31 30.52 11.74
CA SER C 40 -0.08 29.23 12.39
C SER C 40 -1.30 28.32 12.29
N LEU C 41 -2.47 28.85 12.64
CA LEU C 41 -3.69 28.07 12.61
C LEU C 41 -4.13 27.69 11.20
N HIS C 42 -3.95 28.62 10.25
CA HIS C 42 -4.32 28.37 8.86
C HIS C 42 -3.64 27.09 8.39
N VAL C 43 -2.35 26.95 8.71
CA VAL C 43 -1.59 25.77 8.30
C VAL C 43 -1.91 24.56 9.17
N LYS C 44 -2.06 24.78 10.46
CA LYS C 44 -2.36 23.69 11.38
C LYS C 44 -3.67 22.98 11.02
N PHE C 45 -4.68 23.74 10.64
CA PHE C 45 -5.96 23.16 10.27
C PHE C 45 -5.85 22.33 8.99
N GLU C 46 -4.95 22.73 8.10
CA GLU C 46 -4.76 21.97 6.86
C GLU C 46 -4.07 20.66 7.17
N GLU C 47 -3.08 20.70 8.07
CA GLU C 47 -2.37 19.48 8.45
C GLU C 47 -3.38 18.50 9.05
N LEU C 48 -4.32 19.05 9.82
CA LEU C 48 -5.35 18.21 10.45
C LEU C 48 -6.32 17.61 9.45
N TYR C 49 -6.78 18.36 8.45
CA TYR C 49 -7.71 17.73 7.52
C TYR C 49 -7.00 16.75 6.59
N ASN C 50 -5.69 16.95 6.39
CA ASN C 50 -4.95 16.01 5.56
C ASN C 50 -4.86 14.69 6.33
N GLU C 51 -4.67 14.78 7.64
CA GLU C 51 -4.61 13.59 8.47
C GLU C 51 -5.99 12.94 8.53
N ALA C 52 -7.02 13.77 8.56
CA ALA C 52 -8.40 13.27 8.61
C ALA C 52 -8.71 12.43 7.37
N SER C 53 -8.30 12.90 6.20
CA SER C 53 -8.56 12.18 4.96
C SER C 53 -7.85 10.82 4.97
N GLN C 54 -6.68 10.76 5.59
CA GLN C 54 -5.94 9.50 5.66
C GLN C 54 -6.72 8.51 6.52
N TYR C 55 -7.26 9.00 7.64
CA TYR C 55 -8.04 8.13 8.53
C TYR C 55 -9.28 7.60 7.83
N VAL C 56 -9.97 8.48 7.11
CA VAL C 56 -11.17 8.09 6.39
C VAL C 56 -10.88 6.93 5.45
N ASP C 57 -9.81 7.05 4.67
CA ASP C 57 -9.46 6.00 3.72
C ASP C 57 -9.00 4.72 4.42
N GLU C 58 -8.20 4.86 5.46
CA GLU C 58 -7.70 3.70 6.19
C GLU C 58 -8.84 2.88 6.81
N LEU C 59 -9.71 3.54 7.55
CA LEU C 59 -10.82 2.83 8.19
C LEU C 59 -11.84 2.30 7.19
N ALA C 60 -12.08 3.05 6.13
CA ALA C 60 -13.05 2.60 5.11
C ALA C 60 -12.56 1.33 4.43
N GLU C 61 -11.27 1.27 4.12
CA GLU C 61 -10.73 0.08 3.46
C GLU C 61 -10.60 -1.10 4.42
N ARG C 62 -10.59 -0.83 5.73
CA ARG C 62 -10.55 -1.91 6.69
C ARG C 62 -11.95 -2.53 6.69
N ILE C 63 -12.97 -1.68 6.60
CA ILE C 63 -14.35 -2.16 6.56
C ILE C 63 -14.49 -3.08 5.36
N LEU C 64 -13.92 -2.68 4.23
CA LEU C 64 -13.97 -3.49 3.02
C LEU C 64 -13.26 -4.82 3.26
N ALA C 65 -12.13 -4.77 3.96
CA ALA C 65 -11.34 -5.96 4.24
C ALA C 65 -12.07 -6.98 5.13
N VAL C 66 -13.07 -6.53 5.90
CA VAL C 66 -13.82 -7.46 6.74
C VAL C 66 -15.19 -7.77 6.14
N GLY C 67 -15.39 -7.36 4.88
CA GLY C 67 -16.64 -7.63 4.20
C GLY C 67 -17.80 -6.69 4.42
N GLY C 68 -17.52 -5.51 4.97
CA GLY C 68 -18.59 -4.54 5.21
C GLY C 68 -18.69 -3.45 4.17
N ASN C 69 -19.63 -2.52 4.38
CA ASN C 69 -19.85 -1.40 3.46
C ASN C 69 -19.52 -0.07 4.13
N PRO C 70 -18.45 0.61 3.68
CA PRO C 70 -18.06 1.90 4.27
C PRO C 70 -19.07 2.96 3.87
N VAL C 71 -19.45 3.83 4.80
CA VAL C 71 -20.40 4.89 4.46
C VAL C 71 -19.79 5.73 3.35
N GLY C 72 -20.47 5.76 2.20
CA GLY C 72 -19.95 6.50 1.06
C GLY C 72 -20.74 7.67 0.52
N THR C 73 -21.56 8.29 1.38
CA THR C 73 -22.33 9.46 0.97
C THR C 73 -22.28 10.46 2.12
N LEU C 74 -22.37 11.74 1.79
CA LEU C 74 -22.35 12.78 2.80
C LEU C 74 -23.60 12.71 3.66
N THR C 75 -24.73 12.38 3.03
CA THR C 75 -25.99 12.28 3.76
C THR C 75 -25.85 11.28 4.90
N GLU C 76 -25.24 10.14 4.62
CA GLU C 76 -25.06 9.10 5.65
C GLU C 76 -24.09 9.57 6.73
N CYS C 77 -23.00 10.20 6.32
CA CYS C 77 -22.01 10.68 7.28
C CYS C 77 -22.63 11.72 8.22
N LEU C 78 -23.47 12.59 7.67
CA LEU C 78 -24.11 13.62 8.49
C LEU C 78 -25.05 13.02 9.52
N GLU C 79 -25.64 11.87 9.19
CA GLU C 79 -26.56 11.22 10.09
C GLU C 79 -25.86 10.52 11.25
N GLN C 80 -24.69 9.93 10.98
CA GLN C 80 -23.95 9.19 12.01
C GLN C 80 -22.93 9.97 12.83
N SER C 81 -22.28 10.96 12.21
CA SER C 81 -21.23 11.74 12.86
C SER C 81 -21.59 12.48 14.14
N ILE C 82 -20.72 12.38 15.15
CA ILE C 82 -20.92 13.08 16.41
C ILE C 82 -20.23 14.45 16.29
N VAL C 83 -19.53 14.64 15.17
CA VAL C 83 -18.87 15.90 14.89
C VAL C 83 -19.89 16.69 14.08
N LYS C 84 -20.25 17.88 14.58
CA LYS C 84 -21.24 18.71 13.90
C LYS C 84 -20.58 19.72 12.98
N GLU C 85 -21.32 20.18 11.98
CA GLU C 85 -20.78 21.15 11.04
C GLU C 85 -20.56 22.47 11.76
N ALA C 86 -19.65 23.26 11.21
CA ALA C 86 -19.29 24.55 11.78
C ALA C 86 -20.38 25.60 11.71
N ALA C 87 -20.56 26.32 12.82
CA ALA C 87 -21.54 27.39 12.88
C ALA C 87 -20.90 28.59 12.20
N LYS C 88 -21.47 29.77 12.40
CA LYS C 88 -20.94 30.97 11.77
C LYS C 88 -20.37 31.96 12.77
N GLY C 89 -19.29 32.64 12.39
CA GLY C 89 -18.69 33.64 13.24
C GLY C 89 -17.70 33.23 14.33
N TYR C 90 -17.12 32.05 14.22
CA TYR C 90 -16.17 31.57 15.21
C TYR C 90 -14.89 32.39 15.28
N SER C 91 -14.41 32.65 16.49
CA SER C 91 -13.16 33.35 16.68
C SER C 91 -12.11 32.23 16.66
N ALA C 92 -10.84 32.57 16.52
CA ALA C 92 -9.80 31.55 16.51
C ALA C 92 -9.89 30.70 17.78
N GLU C 93 -10.10 31.35 18.91
CA GLU C 93 -10.21 30.65 20.18
C GLU C 93 -11.39 29.68 20.20
N GLN C 94 -12.53 30.11 19.68
CA GLN C 94 -13.71 29.26 19.66
C GLN C 94 -13.51 28.05 18.74
N MET C 95 -12.73 28.22 17.68
CA MET C 95 -12.48 27.12 16.75
C MET C 95 -11.66 26.04 17.43
N VAL C 96 -10.59 26.46 18.12
CA VAL C 96 -9.74 25.51 18.81
C VAL C 96 -10.52 24.87 19.96
N GLU C 97 -11.34 25.65 20.65
CA GLU C 97 -12.14 25.12 21.74
C GLU C 97 -13.08 24.03 21.23
N GLU C 98 -13.72 24.28 20.08
CA GLU C 98 -14.64 23.28 19.53
C GLU C 98 -13.92 22.04 19.05
N LEU C 99 -12.77 22.23 18.40
CA LEU C 99 -12.01 21.08 17.93
C LEU C 99 -11.57 20.27 19.13
N SER C 100 -11.20 20.95 20.22
CA SER C 100 -10.77 20.25 21.43
C SER C 100 -11.93 19.40 21.96
N GLN C 101 -13.13 19.95 21.96
CA GLN C 101 -14.28 19.19 22.46
C GLN C 101 -14.54 18.00 21.52
N ASP C 102 -14.43 18.21 20.22
CA ASP C 102 -14.65 17.13 19.26
C ASP C 102 -13.63 16.01 19.50
N PHE C 103 -12.38 16.40 19.67
CA PHE C 103 -11.34 15.39 19.90
C PHE C 103 -11.56 14.67 21.22
N THR C 104 -12.05 15.38 22.23
CA THR C 104 -12.34 14.74 23.51
C THR C 104 -13.43 13.68 23.29
N ASN C 105 -14.49 14.09 22.58
CA ASN C 105 -15.60 13.17 22.30
C ASN C 105 -15.15 11.97 21.47
N ILE C 106 -14.35 12.23 20.45
CA ILE C 106 -13.86 11.15 19.59
C ILE C 106 -12.95 10.20 20.36
N SER C 107 -12.09 10.73 21.23
CA SER C 107 -11.20 9.88 21.99
C SER C 107 -12.02 8.95 22.89
N LYS C 108 -13.12 9.47 23.43
CA LYS C 108 -13.98 8.68 24.30
C LYS C 108 -14.64 7.57 23.50
N GLN C 109 -15.09 7.89 22.28
CA GLN C 109 -15.72 6.86 21.44
C GLN C 109 -14.69 5.80 21.10
N LEU C 110 -13.46 6.22 20.84
CA LEU C 110 -12.39 5.31 20.49
C LEU C 110 -12.02 4.34 21.62
N GLU C 111 -12.10 4.81 22.86
CA GLU C 111 -11.79 3.96 23.99
C GLU C 111 -12.77 2.78 23.97
N ASN C 112 -14.03 3.08 23.68
CA ASN C 112 -15.07 2.06 23.61
C ASN C 112 -14.88 1.19 22.37
N ALA C 113 -14.56 1.81 21.24
CA ALA C 113 -14.35 1.09 20.00
C ALA C 113 -13.19 0.09 20.11
N ILE C 114 -12.15 0.49 20.86
CA ILE C 114 -11.00 -0.38 21.05
C ILE C 114 -11.40 -1.64 21.83
N GLU C 115 -12.23 -1.44 22.85
CA GLU C 115 -12.69 -2.55 23.68
C GLU C 115 -13.56 -3.49 22.86
N ILE C 116 -14.46 -2.90 22.07
CA ILE C 116 -15.36 -3.68 21.21
C ILE C 116 -14.57 -4.53 20.22
N ALA C 117 -13.61 -3.90 19.53
CA ALA C 117 -12.80 -4.60 18.55
C ALA C 117 -12.00 -5.73 19.20
N GLY C 118 -11.40 -5.44 20.36
CA GLY C 118 -10.63 -6.44 21.06
C GLY C 118 -11.48 -7.64 21.43
N ASN C 119 -12.68 -7.37 21.95
CA ASN C 119 -13.60 -8.43 22.37
C ASN C 119 -14.15 -9.22 21.18
N ALA C 120 -14.16 -8.61 20.00
CA ALA C 120 -14.66 -9.29 18.81
C ALA C 120 -13.54 -10.09 18.14
N GLY C 121 -12.30 -9.90 18.62
CA GLY C 121 -11.18 -10.61 18.04
C GLY C 121 -10.66 -9.91 16.80
N ASP C 122 -11.14 -8.69 16.55
CA ASP C 122 -10.70 -7.93 15.39
C ASP C 122 -9.54 -7.06 15.86
N ASP C 123 -8.37 -7.68 15.93
CA ASP C 123 -7.18 -7.01 16.41
C ASP C 123 -6.62 -5.98 15.44
N VAL C 124 -6.91 -6.16 14.15
CA VAL C 124 -6.45 -5.21 13.15
C VAL C 124 -7.21 -3.90 13.34
N SER C 125 -8.54 -3.97 13.40
CA SER C 125 -9.34 -2.77 13.59
C SER C 125 -8.99 -2.11 14.91
N GLU C 126 -8.77 -2.94 15.94
CA GLU C 126 -8.41 -2.45 17.27
C GLU C 126 -7.15 -1.60 17.16
N ASP C 127 -6.17 -2.12 16.44
CA ASP C 127 -4.89 -1.43 16.26
C ASP C 127 -5.08 -0.11 15.53
N MET C 128 -5.99 -0.09 14.56
CA MET C 128 -6.26 1.14 13.81
C MET C 128 -6.88 2.18 14.74
N PHE C 129 -7.81 1.76 15.61
CA PHE C 129 -8.44 2.68 16.54
C PHE C 129 -7.38 3.24 17.51
N ILE C 130 -6.45 2.39 17.92
CA ILE C 130 -5.40 2.82 18.85
C ILE C 130 -4.49 3.87 18.21
N GLY C 131 -4.16 3.66 16.94
CA GLY C 131 -3.33 4.61 16.23
C GLY C 131 -4.03 5.95 16.11
N MET C 132 -5.33 5.91 15.84
CA MET C 132 -6.11 7.13 15.71
C MET C 132 -6.20 7.85 17.06
N GLN C 133 -6.48 7.10 18.11
CA GLN C 133 -6.60 7.70 19.45
C GLN C 133 -5.27 8.34 19.86
N THR C 134 -4.17 7.74 19.43
CA THR C 134 -2.83 8.25 19.73
C THR C 134 -2.70 9.68 19.20
N SER C 135 -3.00 9.87 17.92
CA SER C 135 -2.89 11.19 17.31
C SER C 135 -3.96 12.15 17.83
N VAL C 136 -5.18 11.65 18.01
CA VAL C 136 -6.26 12.49 18.52
C VAL C 136 -5.90 13.04 19.90
N ASP C 137 -5.39 12.19 20.79
CA ASP C 137 -5.02 12.64 22.13
C ASP C 137 -3.85 13.62 22.07
N LYS C 138 -2.89 13.36 21.19
CA LYS C 138 -1.73 14.24 21.05
C LYS C 138 -2.18 15.63 20.60
N HIS C 139 -3.00 15.68 19.55
CA HIS C 139 -3.49 16.96 19.04
C HIS C 139 -4.33 17.69 20.08
N ASN C 140 -5.12 16.94 20.84
CA ASN C 140 -5.97 17.56 21.86
C ASN C 140 -5.12 18.23 22.93
N TRP C 141 -4.01 17.60 23.30
CA TRP C 141 -3.11 18.19 24.30
C TRP C 141 -2.63 19.52 23.75
N MET C 142 -2.27 19.55 22.47
CA MET C 142 -1.81 20.78 21.84
C MET C 142 -2.89 21.85 21.84
N PHE C 143 -4.14 21.47 21.54
CA PHE C 143 -5.24 22.43 21.53
C PHE C 143 -5.41 23.05 22.91
N LYS C 144 -5.42 22.21 23.93
CA LYS C 144 -5.58 22.66 25.30
C LYS C 144 -4.44 23.57 25.72
N SER C 145 -3.24 23.29 25.23
CA SER C 145 -2.08 24.12 25.57
C SER C 145 -2.22 25.48 24.89
N TYR C 146 -2.73 25.47 23.67
CA TYR C 146 -2.94 26.72 22.93
C TYR C 146 -3.96 27.57 23.70
N LEU C 147 -4.96 26.91 24.27
CA LEU C 147 -6.02 27.57 25.00
C LEU C 147 -5.70 27.92 26.45
N SER C 148 -4.67 27.30 27.01
CA SER C 148 -4.30 27.54 28.40
C SER C 148 -3.87 28.99 28.63
N ALA D 2 -26.06 40.88 -6.64
CA ALA D 2 -26.54 41.16 -8.02
C ALA D 2 -25.40 41.73 -8.87
N SER D 3 -24.34 42.17 -8.20
CA SER D 3 -23.18 42.74 -8.89
C SER D 3 -22.49 41.65 -9.70
N ASN D 4 -21.62 42.08 -10.62
CA ASN D 4 -20.90 41.11 -11.43
C ASN D 4 -20.00 40.24 -10.57
N GLN D 5 -19.27 40.86 -9.65
CA GLN D 5 -18.37 40.13 -8.77
C GLN D 5 -19.14 39.11 -7.93
N GLN D 6 -20.35 39.45 -7.53
CA GLN D 6 -21.16 38.55 -6.73
C GLN D 6 -21.61 37.38 -7.60
N ASP D 7 -21.78 37.62 -8.89
CA ASP D 7 -22.17 36.57 -9.81
C ASP D 7 -21.00 35.61 -9.93
N VAL D 8 -19.78 36.15 -9.88
CA VAL D 8 -18.58 35.32 -9.98
C VAL D 8 -18.47 34.47 -8.72
N VAL D 9 -18.77 35.05 -7.56
CA VAL D 9 -18.72 34.29 -6.31
C VAL D 9 -19.71 33.14 -6.40
N LYS D 10 -20.85 33.40 -7.02
CA LYS D 10 -21.87 32.37 -7.19
C LYS D 10 -21.28 31.22 -8.00
N GLU D 11 -20.57 31.56 -9.07
CA GLU D 11 -19.96 30.55 -9.94
C GLU D 11 -18.85 29.80 -9.19
N LEU D 12 -18.11 30.51 -8.35
CA LEU D 12 -17.03 29.89 -7.58
C LEU D 12 -17.62 28.90 -6.58
N ASN D 13 -18.70 29.31 -5.91
CA ASN D 13 -19.33 28.43 -4.93
C ASN D 13 -19.98 27.22 -5.58
N GLN D 14 -20.49 27.38 -6.79
CA GLN D 14 -21.10 26.27 -7.50
C GLN D 14 -20.05 25.16 -7.63
N GLN D 15 -18.82 25.56 -7.96
CA GLN D 15 -17.75 24.58 -8.12
C GLN D 15 -17.25 24.04 -6.78
N VAL D 16 -17.23 24.88 -5.75
CA VAL D 16 -16.79 24.40 -4.44
C VAL D 16 -17.77 23.31 -4.01
N ALA D 17 -19.05 23.53 -4.31
CA ALA D 17 -20.10 22.59 -3.98
C ALA D 17 -19.96 21.30 -4.80
N ASN D 18 -19.81 21.46 -6.12
CA ASN D 18 -19.67 20.31 -7.01
C ASN D 18 -18.51 19.39 -6.60
N TRP D 19 -17.36 19.99 -6.35
CA TRP D 19 -16.19 19.21 -6.01
C TRP D 19 -16.13 18.69 -4.59
N THR D 20 -16.89 19.30 -3.69
CA THR D 20 -16.94 18.81 -2.32
C THR D 20 -17.73 17.51 -2.38
N VAL D 21 -18.82 17.51 -3.14
CA VAL D 21 -19.64 16.31 -3.28
C VAL D 21 -18.87 15.26 -4.08
N ALA D 22 -18.20 15.69 -5.14
CA ALA D 22 -17.43 14.77 -5.97
C ALA D 22 -16.33 14.12 -5.16
N TYR D 23 -15.75 14.87 -4.23
CA TYR D 23 -14.68 14.37 -3.38
C TYR D 23 -15.11 13.06 -2.71
N THR D 24 -16.30 13.07 -2.15
CA THR D 24 -16.83 11.90 -1.47
C THR D 24 -17.30 10.83 -2.46
N LYS D 25 -17.90 11.24 -3.58
CA LYS D 25 -18.34 10.24 -4.55
C LYS D 25 -17.12 9.50 -5.09
N LEU D 26 -16.02 10.21 -5.26
CA LEU D 26 -14.81 9.58 -5.76
C LEU D 26 -14.21 8.62 -4.73
N HIS D 27 -14.43 8.89 -3.45
CA HIS D 27 -13.95 7.98 -2.42
C HIS D 27 -14.81 6.71 -2.53
N ASN D 28 -16.10 6.92 -2.71
CA ASN D 28 -17.05 5.82 -2.85
C ASN D 28 -16.62 4.90 -3.99
N PHE D 29 -16.37 5.48 -5.17
CA PHE D 29 -15.97 4.69 -6.33
C PHE D 29 -14.61 4.03 -6.09
N HIS D 30 -13.73 4.75 -5.42
CA HIS D 30 -12.39 4.28 -5.07
C HIS D 30 -12.51 3.01 -4.20
N TRP D 31 -13.49 3.01 -3.29
CA TRP D 31 -13.69 1.88 -2.40
C TRP D 31 -14.48 0.71 -2.98
N TYR D 32 -15.56 1.04 -3.70
CA TYR D 32 -16.44 0.02 -4.25
C TYR D 32 -16.16 -0.53 -5.65
N VAL D 33 -15.20 0.05 -6.36
CA VAL D 33 -14.90 -0.42 -7.70
C VAL D 33 -14.43 -1.87 -7.68
N LYS D 34 -14.87 -2.65 -8.66
CA LYS D 34 -14.50 -4.06 -8.76
C LYS D 34 -14.28 -4.45 -10.21
N GLY D 35 -13.80 -5.67 -10.42
CA GLY D 35 -13.55 -6.11 -11.78
C GLY D 35 -12.07 -6.16 -12.12
N PRO D 36 -11.73 -6.66 -13.32
CA PRO D 36 -10.34 -6.76 -13.77
C PRO D 36 -9.56 -5.46 -13.87
N ASN D 37 -10.27 -4.33 -13.86
CA ASN D 37 -9.58 -3.05 -13.95
C ASN D 37 -9.48 -2.39 -12.57
N PHE D 38 -9.72 -3.19 -11.54
CA PHE D 38 -9.67 -2.69 -10.16
C PHE D 38 -8.45 -1.86 -9.84
N PHE D 39 -7.26 -2.44 -10.01
CA PHE D 39 -6.03 -1.74 -9.67
C PHE D 39 -5.85 -0.37 -10.34
N SER D 40 -6.17 -0.28 -11.62
CA SER D 40 -6.04 1.00 -12.31
C SER D 40 -7.07 2.02 -11.84
N LEU D 41 -8.33 1.63 -11.82
CA LEU D 41 -9.39 2.54 -11.40
C LEU D 41 -9.29 2.94 -9.93
N HIS D 42 -8.93 1.98 -9.08
CA HIS D 42 -8.78 2.25 -7.64
C HIS D 42 -7.83 3.42 -7.44
N VAL D 43 -6.71 3.40 -8.16
CA VAL D 43 -5.73 4.48 -8.03
C VAL D 43 -6.19 5.73 -8.76
N LYS D 44 -6.77 5.58 -9.95
CA LYS D 44 -7.24 6.71 -10.72
C LYS D 44 -8.26 7.55 -9.96
N PHE D 45 -9.17 6.87 -9.25
CA PHE D 45 -10.18 7.59 -8.50
C PHE D 45 -9.57 8.38 -7.34
N GLU D 46 -8.48 7.86 -6.77
CA GLU D 46 -7.82 8.56 -5.68
C GLU D 46 -7.13 9.81 -6.22
N GLU D 47 -6.48 9.67 -7.37
CA GLU D 47 -5.80 10.81 -7.98
C GLU D 47 -6.84 11.90 -8.23
N LEU D 48 -8.05 11.48 -8.62
CA LEU D 48 -9.12 12.43 -8.88
C LEU D 48 -9.65 13.12 -7.63
N TYR D 49 -9.81 12.40 -6.52
CA TYR D 49 -10.31 13.13 -5.35
C TYR D 49 -9.24 14.03 -4.75
N ASN D 50 -7.96 13.69 -4.94
CA ASN D 50 -6.91 14.56 -4.43
C ASN D 50 -6.96 15.85 -5.23
N GLU D 51 -7.18 15.72 -6.54
CA GLU D 51 -7.27 16.88 -7.41
C GLU D 51 -8.48 17.71 -7.01
N ALA D 52 -9.59 17.03 -6.70
CA ALA D 52 -10.81 17.70 -6.29
C ALA D 52 -10.60 18.53 -5.02
N SER D 53 -9.85 17.97 -4.07
CA SER D 53 -9.59 18.67 -2.82
C SER D 53 -8.81 19.95 -3.10
N GLN D 54 -7.91 19.89 -4.08
CA GLN D 54 -7.11 21.06 -4.45
C GLN D 54 -8.03 22.16 -5.01
N TYR D 55 -9.01 21.77 -5.81
CA TYR D 55 -9.94 22.74 -6.38
C TYR D 55 -10.77 23.42 -5.30
N VAL D 56 -11.31 22.63 -4.40
CA VAL D 56 -12.14 23.17 -3.33
C VAL D 56 -11.41 24.25 -2.55
N ASP D 57 -10.15 23.98 -2.19
CA ASP D 57 -9.37 24.95 -1.42
C ASP D 57 -9.01 26.17 -2.26
N GLU D 58 -8.55 25.95 -3.48
CA GLU D 58 -8.16 27.05 -4.38
C GLU D 58 -9.32 28.00 -4.63
N LEU D 59 -10.47 27.45 -5.02
CA LEU D 59 -11.65 28.28 -5.30
C LEU D 59 -12.21 28.91 -4.04
N ALA D 60 -12.19 28.16 -2.94
CA ALA D 60 -12.70 28.68 -1.68
C ALA D 60 -11.90 29.89 -1.21
N GLU D 61 -10.58 29.83 -1.34
CA GLU D 61 -9.74 30.94 -0.91
C GLU D 61 -9.78 32.11 -1.88
N ARG D 62 -10.20 31.86 -3.12
CA ARG D 62 -10.31 32.94 -4.09
C ARG D 62 -11.55 33.73 -3.68
N ILE D 63 -12.61 33.00 -3.31
CA ILE D 63 -13.85 33.63 -2.88
C ILE D 63 -13.49 34.58 -1.73
N LEU D 64 -12.59 34.12 -0.87
CA LEU D 64 -12.14 34.90 0.28
C LEU D 64 -11.33 36.11 -0.20
N ALA D 65 -10.52 35.89 -1.24
CA ALA D 65 -9.69 36.96 -1.78
C ALA D 65 -10.52 38.10 -2.37
N VAL D 66 -11.76 37.80 -2.78
CA VAL D 66 -12.64 38.83 -3.35
C VAL D 66 -13.69 39.27 -2.35
N GLY D 67 -13.48 38.95 -1.08
CA GLY D 67 -14.41 39.34 -0.04
C GLY D 67 -15.72 38.60 0.08
N GLY D 68 -15.76 37.36 -0.41
CA GLY D 68 -16.98 36.58 -0.31
C GLY D 68 -16.91 35.49 0.75
N ASN D 69 -17.97 34.70 0.85
CA ASN D 69 -18.04 33.60 1.83
C ASN D 69 -18.08 32.25 1.12
N PRO D 70 -17.00 31.45 1.25
CA PRO D 70 -16.95 30.12 0.61
C PRO D 70 -17.87 29.15 1.35
N VAL D 71 -18.64 28.36 0.60
CA VAL D 71 -19.54 27.40 1.24
C VAL D 71 -18.72 26.44 2.11
N GLY D 72 -18.95 26.51 3.42
CA GLY D 72 -18.19 25.66 4.32
C GLY D 72 -18.96 24.59 5.08
N THR D 73 -20.03 24.08 4.49
CA THR D 73 -20.82 23.02 5.13
C THR D 73 -21.26 22.03 4.05
N LEU D 74 -21.32 20.76 4.41
CA LEU D 74 -21.73 19.72 3.49
C LEU D 74 -23.19 19.92 3.10
N THR D 75 -24.00 20.36 4.05
CA THR D 75 -25.40 20.60 3.80
C THR D 75 -25.59 21.57 2.65
N GLU D 76 -24.81 22.66 2.68
CA GLU D 76 -24.89 23.67 1.63
C GLU D 76 -24.42 23.11 0.29
N CYS D 77 -23.31 22.37 0.32
CA CYS D 77 -22.76 21.79 -0.90
C CYS D 77 -23.74 20.86 -1.61
N LEU D 78 -24.42 20.00 -0.85
CA LEU D 78 -25.38 19.07 -1.42
C LEU D 78 -26.53 19.79 -2.11
N GLU D 79 -26.84 20.99 -1.62
CA GLU D 79 -27.93 21.79 -2.18
C GLU D 79 -27.57 22.44 -3.52
N GLN D 80 -26.34 22.93 -3.64
CA GLN D 80 -25.91 23.61 -4.85
C GLN D 80 -25.27 22.73 -5.92
N SER D 81 -24.64 21.63 -5.50
CA SER D 81 -23.95 20.75 -6.43
C SER D 81 -24.78 20.08 -7.53
N ILE D 82 -24.29 20.11 -8.76
CA ILE D 82 -24.98 19.45 -9.86
C ILE D 82 -24.46 18.02 -9.92
N VAL D 83 -23.45 17.75 -9.09
CA VAL D 83 -22.88 16.41 -8.98
C VAL D 83 -23.68 15.74 -7.87
N LYS D 84 -24.30 14.61 -8.19
CA LYS D 84 -25.11 13.90 -7.22
C LYS D 84 -24.31 12.82 -6.51
N GLU D 85 -24.76 12.43 -5.32
CA GLU D 85 -24.08 11.41 -4.56
C GLU D 85 -24.23 10.07 -5.26
N ALA D 86 -23.31 9.16 -4.96
CA ALA D 86 -23.30 7.84 -5.56
C ALA D 86 -24.53 7.02 -5.19
N ALA D 87 -25.04 6.29 -6.16
CA ALA D 87 -26.19 5.42 -5.97
C ALA D 87 -25.65 4.09 -5.45
N LYS D 88 -26.50 3.08 -5.38
CA LYS D 88 -26.08 1.77 -4.90
C LYS D 88 -25.55 0.83 -5.98
N GLY D 89 -24.46 0.14 -5.63
CA GLY D 89 -23.84 -0.83 -6.51
C GLY D 89 -23.66 -0.59 -8.00
N TYR D 90 -22.63 0.16 -8.36
CA TYR D 90 -22.34 0.43 -9.78
C TYR D 90 -21.32 -0.61 -10.24
N SER D 91 -21.22 -0.78 -11.56
CA SER D 91 -20.22 -1.66 -12.12
C SER D 91 -19.10 -0.65 -12.40
N ALA D 92 -17.90 -1.12 -12.69
CA ALA D 92 -16.80 -0.19 -12.98
C ALA D 92 -17.19 0.69 -14.16
N GLU D 93 -17.77 0.05 -15.19
CA GLU D 93 -18.20 0.77 -16.38
C GLU D 93 -19.18 1.88 -16.04
N GLN D 94 -20.13 1.59 -15.16
CA GLN D 94 -21.13 2.59 -14.77
C GLN D 94 -20.52 3.73 -13.99
N MET D 95 -19.48 3.45 -13.22
CA MET D 95 -18.82 4.50 -12.44
C MET D 95 -18.14 5.47 -13.38
N VAL D 96 -17.45 4.94 -14.39
CA VAL D 96 -16.76 5.81 -15.34
C VAL D 96 -17.76 6.56 -16.19
N GLU D 97 -18.86 5.91 -16.55
CA GLU D 97 -19.90 6.57 -17.35
C GLU D 97 -20.48 7.74 -16.58
N GLU D 98 -20.72 7.57 -15.28
CA GLU D 98 -21.29 8.65 -14.48
C GLU D 98 -20.30 9.79 -14.30
N LEU D 99 -19.04 9.47 -14.05
CA LEU D 99 -18.03 10.52 -13.89
C LEU D 99 -17.89 11.28 -15.20
N SER D 100 -17.99 10.58 -16.32
CA SER D 100 -17.87 11.25 -17.62
C SER D 100 -19.02 12.24 -17.78
N GLN D 101 -20.22 11.85 -17.39
CA GLN D 101 -21.35 12.76 -17.51
C GLN D 101 -21.17 13.93 -16.56
N ASP D 102 -20.66 13.66 -15.35
CA ASP D 102 -20.44 14.74 -14.39
C ASP D 102 -19.42 15.72 -14.95
N PHE D 103 -18.35 15.19 -15.54
CA PHE D 103 -17.31 16.05 -16.11
C PHE D 103 -17.84 16.83 -17.31
N THR D 104 -18.73 16.23 -18.09
CA THR D 104 -19.32 16.93 -19.22
C THR D 104 -20.17 18.08 -18.68
N ASN D 105 -20.96 17.80 -17.64
CA ASN D 105 -21.83 18.83 -17.05
C ASN D 105 -20.99 19.94 -16.43
N ILE D 106 -19.92 19.57 -15.74
CA ILE D 106 -19.04 20.54 -15.10
C ILE D 106 -18.36 21.43 -16.13
N SER D 107 -17.85 20.83 -17.20
CA SER D 107 -17.17 21.60 -18.24
C SER D 107 -18.11 22.63 -18.85
N LYS D 108 -19.37 22.24 -19.03
CA LYS D 108 -20.35 23.16 -19.60
C LYS D 108 -20.59 24.31 -18.63
N GLN D 109 -20.68 24.01 -17.34
CA GLN D 109 -20.86 25.05 -16.33
C GLN D 109 -19.66 25.98 -16.33
N LEU D 110 -18.47 25.40 -16.47
CA LEU D 110 -17.24 26.18 -16.46
C LEU D 110 -17.15 27.14 -17.65
N GLU D 111 -17.68 26.73 -18.80
CA GLU D 111 -17.65 27.57 -19.98
C GLU D 111 -18.38 28.88 -19.63
N ASN D 112 -19.53 28.74 -18.98
CA ASN D 112 -20.34 29.88 -18.57
C ASN D 112 -19.62 30.68 -17.48
N ALA D 113 -19.08 29.98 -16.48
CA ALA D 113 -18.36 30.64 -15.39
C ALA D 113 -17.20 31.48 -15.92
N ILE D 114 -16.52 30.97 -16.94
CA ILE D 114 -15.39 31.67 -17.52
C ILE D 114 -15.85 32.99 -18.15
N GLU D 115 -16.98 32.94 -18.85
CA GLU D 115 -17.51 34.14 -19.49
C GLU D 115 -18.00 35.15 -18.45
N ILE D 116 -18.61 34.64 -17.39
CA ILE D 116 -19.11 35.49 -16.32
C ILE D 116 -17.95 36.20 -15.63
N ALA D 117 -16.89 35.44 -15.33
CA ALA D 117 -15.72 36.00 -14.66
C ALA D 117 -15.04 37.04 -15.55
N GLY D 118 -14.87 36.70 -16.82
CA GLY D 118 -14.24 37.63 -17.74
C GLY D 118 -15.04 38.90 -17.88
N ASN D 119 -16.37 38.76 -17.97
CA ASN D 119 -17.26 39.91 -18.10
C ASN D 119 -17.20 40.82 -16.88
N ALA D 120 -16.98 40.22 -15.71
CA ALA D 120 -16.90 40.98 -14.46
C ALA D 120 -15.51 41.56 -14.22
N GLY D 121 -14.57 41.27 -15.11
CA GLY D 121 -13.22 41.77 -14.93
C GLY D 121 -12.45 40.99 -13.87
N ASP D 122 -12.99 39.86 -13.45
CA ASP D 122 -12.31 39.02 -12.46
C ASP D 122 -11.51 38.01 -13.26
N ASP D 123 -10.34 38.46 -13.73
CA ASP D 123 -9.48 37.63 -14.55
C ASP D 123 -8.77 36.53 -13.76
N VAL D 124 -8.66 36.72 -12.46
CA VAL D 124 -8.03 35.72 -11.61
C VAL D 124 -8.94 34.50 -11.53
N SER D 125 -10.21 34.74 -11.18
CA SER D 125 -11.18 33.66 -11.09
C SER D 125 -11.35 33.00 -12.46
N GLU D 126 -11.34 33.81 -13.51
CA GLU D 126 -11.48 33.28 -14.86
C GLU D 126 -10.36 32.29 -15.15
N ASP D 127 -9.14 32.66 -14.77
CA ASP D 127 -7.98 31.81 -14.99
C ASP D 127 -8.10 30.50 -14.21
N MET D 128 -8.63 30.58 -13.00
CA MET D 128 -8.82 29.39 -12.18
C MET D 128 -9.83 28.46 -12.82
N PHE D 129 -10.90 29.02 -13.38
CA PHE D 129 -11.93 28.22 -14.04
C PHE D 129 -11.32 27.55 -15.28
N ILE D 130 -10.46 28.29 -15.99
CA ILE D 130 -9.82 27.74 -17.17
C ILE D 130 -8.92 26.57 -16.80
N GLY D 131 -8.18 26.72 -15.71
CA GLY D 131 -7.30 25.67 -15.25
C GLY D 131 -8.09 24.42 -14.93
N MET D 132 -9.21 24.60 -14.25
CA MET D 132 -10.06 23.47 -13.89
C MET D 132 -10.63 22.82 -15.14
N GLN D 133 -11.14 23.62 -16.07
CA GLN D 133 -11.72 23.07 -17.29
C GLN D 133 -10.68 22.28 -18.09
N THR D 134 -9.44 22.74 -18.08
CA THR D 134 -8.37 22.06 -18.79
C THR D 134 -8.24 20.61 -18.29
N SER D 135 -8.17 20.45 -16.98
CA SER D 135 -8.04 19.12 -16.41
C SER D 135 -9.31 18.29 -16.58
N VAL D 136 -10.46 18.92 -16.35
CA VAL D 136 -11.73 18.22 -16.49
C VAL D 136 -11.88 17.65 -17.89
N ASP D 137 -11.64 18.47 -18.91
CA ASP D 137 -11.75 18.01 -20.28
C ASP D 137 -10.75 16.90 -20.60
N LYS D 138 -9.54 17.02 -20.05
CA LYS D 138 -8.50 16.00 -20.28
C LYS D 138 -8.93 14.67 -19.70
N HIS D 139 -9.40 14.70 -18.45
CA HIS D 139 -9.86 13.49 -17.78
C HIS D 139 -11.06 12.89 -18.54
N ASN D 140 -11.95 13.76 -19.01
CA ASN D 140 -13.14 13.27 -19.71
C ASN D 140 -12.75 12.53 -20.99
N TRP D 141 -11.76 13.03 -21.72
CA TRP D 141 -11.31 12.35 -22.92
C TRP D 141 -10.82 10.95 -22.56
N MET D 142 -10.11 10.85 -21.44
CA MET D 142 -9.61 9.56 -20.99
C MET D 142 -10.76 8.63 -20.60
N PHE D 143 -11.76 9.16 -19.91
CA PHE D 143 -12.91 8.35 -19.50
C PHE D 143 -13.62 7.79 -20.73
N LYS D 144 -13.84 8.65 -21.73
CA LYS D 144 -14.52 8.23 -22.94
C LYS D 144 -13.69 7.19 -23.69
N SER D 145 -12.37 7.34 -23.67
CA SER D 145 -11.51 6.37 -24.35
C SER D 145 -11.60 5.02 -23.64
N TYR D 146 -11.61 5.05 -22.30
CA TYR D 146 -11.73 3.83 -21.50
C TYR D 146 -13.03 3.11 -21.87
N LEU D 147 -14.10 3.89 -22.05
CA LEU D 147 -15.41 3.34 -22.37
C LEU D 147 -15.56 2.96 -23.84
N SER D 148 -14.48 3.12 -24.60
CA SER D 148 -14.45 2.79 -26.02
C SER D 148 -15.03 3.88 -26.89
C1 GOL E . -2.23 -22.92 -2.27
O1 GOL E . -1.05 -22.36 -1.66
C2 GOL E . -3.34 -23.08 -1.21
O2 GOL E . -4.59 -23.36 -1.87
C3 GOL E . -2.99 -24.23 -0.25
O3 GOL E . -4.06 -24.43 0.67
C1 GOL F . 27.27 -1.83 -20.76
O1 GOL F . 28.61 -1.46 -21.11
C2 GOL F . 27.23 -3.29 -20.27
O2 GOL F . 27.86 -4.14 -21.24
C3 GOL F . 27.95 -3.41 -18.93
O3 GOL F . 27.65 -4.69 -18.34
#